data_4X6F
#
_entry.id   4X6F
#
_cell.length_a   42.380
_cell.length_b   90.210
_cell.length_c   107.790
_cell.angle_alpha   90.00
_cell.angle_beta   90.00
_cell.angle_gamma   90.00
#
_symmetry.space_group_name_H-M   'P 21 21 21'
#
loop_
_entity.id
_entity.type
_entity.pdbx_description
1 polymer 'T-cell surface glycoprotein CD1a'
2 polymer Beta-2-microglobulin
3 non-polymer '(4S,7S,23Z)-4-hydroxy-7-[(1S,2Z)-1-hydroxyhexadec-2-en-1-yl]-N,N,N-trimethyl-9-oxo-3,5-dioxa-8-aza-4-phosphadotriacont- 23-en-1-aminium 4-oxide'
4 water water
#
loop_
_entity_poly.entity_id
_entity_poly.type
_entity_poly.pdbx_seq_one_letter_code
_entity_poly.pdbx_strand_id
1 'polypeptide(L)'
;LKEPLSFHVIWIASFYNHSWKQNLVSGWLSDLQTHTWDSNSSTIVFLWPWSRGNFSNEEWKELETLFRIRTIRSFEGIRR
YAHELQFEYPFEIQVTGGCELHSGKVSGSFLQLAYQGSDFVSFQNNSWLPYPVAGNMAKHFCKVLNQNQHENDITHNLLS
DTCPRFILGLLDAGKAHLQRQVKPEAWLSHGPSPGPGHLQLVCHVSGFYPKPVWVMWMRGEQEQQGTQRGDILPSADGTW
YLRATLEVAAGEAADLSCRVKHSSLEGQDIVLYWEGSLVPR
;
A
2 'polypeptide(L)'
;IQRTPKIQVYSRHPAENGKSNFLNCYVSGFHPSDIEVDLLKNGERIEKVEHSDLSFSKDWSFYLLYYTEFTPTEKDEYAC
RVNHVTLSQPKIVKWDRDMGSLVPR
;
B
#
loop_
_chem_comp.id
_chem_comp.type
_chem_comp.name
_chem_comp.formula
3XU non-polymer '(4S,7S,23Z)-4-hydroxy-7-[(1S,2Z)-1-hydroxyhexadec-2-en-1-yl]-N,N,N-trimethyl-9-oxo-3,5-dioxa-8-aza-4-phosphadotriacont- 23-en-1-aminium 4-oxide' 'C47 H94 N2 O6 P 1'
#
# COMPACT_ATOMS: atom_id res chain seq x y z
N SER A 6 2.38 14.95 -5.16
CA SER A 6 3.15 14.18 -6.14
C SER A 6 2.35 13.11 -6.89
N PHE A 7 2.59 13.01 -8.19
CA PHE A 7 2.01 11.95 -9.01
C PHE A 7 3.12 11.06 -9.53
N HIS A 8 2.88 9.75 -9.55
CA HIS A 8 3.86 8.88 -10.17
C HIS A 8 3.22 7.66 -10.79
N VAL A 9 3.96 7.07 -11.70
CA VAL A 9 3.56 5.87 -12.38
C VAL A 9 4.50 4.79 -11.90
N ILE A 10 3.98 3.58 -11.67
CA ILE A 10 4.87 2.48 -11.33
C ILE A 10 4.69 1.36 -12.35
N TRP A 11 5.77 0.62 -12.55
CA TRP A 11 5.83 -0.50 -13.47
C TRP A 11 6.43 -1.68 -12.72
N ILE A 12 5.74 -2.81 -12.73
CA ILE A 12 6.25 -4.02 -12.11
C ILE A 12 6.31 -5.08 -13.20
N ALA A 13 7.51 -5.60 -13.46
CA ALA A 13 7.71 -6.60 -14.49
C ALA A 13 8.42 -7.78 -13.88
N SER A 14 7.79 -8.96 -13.96
CA SER A 14 8.35 -10.16 -13.37
C SER A 14 8.70 -11.19 -14.43
N PHE A 15 9.94 -11.68 -14.41
CA PHE A 15 10.42 -12.61 -15.44
C PHE A 15 10.78 -13.99 -14.85
N TYR A 16 10.32 -15.06 -15.50
CA TYR A 16 10.57 -16.43 -15.01
C TYR A 16 11.22 -17.34 -16.07
N LYS A 21 6.77 -13.51 -17.44
CA LYS A 21 6.47 -12.35 -18.25
C LYS A 21 5.16 -11.70 -17.83
N GLN A 22 5.11 -11.22 -16.60
CA GLN A 22 3.95 -10.52 -16.07
C GLN A 22 4.26 -9.03 -15.91
N ASN A 23 3.28 -8.18 -16.23
CA ASN A 23 3.49 -6.75 -16.45
C ASN A 23 2.37 -5.91 -15.82
N LEU A 24 2.72 -5.00 -14.92
CA LEU A 24 1.71 -4.14 -14.28
C LEU A 24 2.13 -2.68 -14.33
N VAL A 25 1.22 -1.82 -14.81
CA VAL A 25 1.45 -0.38 -14.85
C VAL A 25 0.26 0.32 -14.23
N SER A 26 0.53 1.22 -13.28
CA SER A 26 -0.52 1.92 -12.55
C SER A 26 -0.05 3.33 -12.18
N GLY A 27 -1.00 4.25 -12.01
CA GLY A 27 -0.67 5.61 -11.63
C GLY A 27 -1.24 5.96 -10.28
N TRP A 28 -0.54 6.84 -9.56
CA TRP A 28 -0.78 7.09 -8.15
C TRP A 28 -0.65 8.55 -7.77
N LEU A 29 -1.62 9.04 -7.02
CA LEU A 29 -1.44 10.20 -6.15
C LEU A 29 -1.05 9.70 -4.77
N SER A 30 0.26 9.68 -4.51
CA SER A 30 0.83 9.12 -3.30
C SER A 30 0.27 7.72 -3.06
N ASP A 31 -0.54 7.58 -2.00
CA ASP A 31 -1.16 6.31 -1.62
C ASP A 31 -2.35 5.95 -2.51
N LEU A 32 -2.94 6.96 -3.13
CA LEU A 32 -4.18 6.78 -3.87
C LEU A 32 -3.97 6.35 -5.32
N GLN A 33 -4.44 5.17 -5.68
CA GLN A 33 -4.39 4.75 -7.08
C GLN A 33 -5.41 5.51 -7.93
N THR A 34 -4.95 6.04 -9.08
CA THR A 34 -5.84 6.83 -9.95
C THR A 34 -5.99 6.26 -11.36
N HIS A 35 -5.03 5.42 -11.76
CA HIS A 35 -5.00 4.85 -13.11
C HIS A 35 -4.51 3.42 -13.05
N THR A 36 -4.99 2.60 -13.99
CA THR A 36 -4.46 1.26 -14.19
C THR A 36 -4.30 1.01 -15.70
N TRP A 37 -3.45 0.06 -16.04
CA TRP A 37 -3.24 -0.33 -17.42
C TRP A 37 -3.82 -1.71 -17.63
N ASP A 38 -4.75 -1.81 -18.56
CA ASP A 38 -5.37 -3.09 -18.91
C ASP A 38 -4.53 -3.78 -19.96
N SER A 39 -3.98 -4.96 -19.69
CA SER A 39 -3.14 -5.61 -20.70
C SER A 39 -3.93 -6.11 -21.92
N ASN A 40 -5.06 -6.76 -21.67
CA ASN A 40 -5.89 -7.38 -22.71
C ASN A 40 -6.38 -6.39 -23.76
N SER A 41 -6.84 -5.24 -23.29
CA SER A 41 -7.25 -4.15 -24.16
C SER A 41 -6.06 -3.26 -24.45
N SER A 42 -4.96 -3.53 -23.74
CA SER A 42 -3.85 -2.57 -23.63
C SER A 42 -4.33 -1.12 -23.50
N THR A 43 -5.35 -0.86 -22.67
CA THR A 43 -5.84 0.53 -22.50
C THR A 43 -5.46 1.16 -21.13
N ILE A 44 -5.56 2.49 -21.04
CA ILE A 44 -5.43 3.20 -19.78
C ILE A 44 -6.78 3.33 -19.08
N VAL A 45 -6.92 2.64 -17.96
CA VAL A 45 -8.17 2.66 -17.22
C VAL A 45 -8.14 3.80 -16.20
N PHE A 46 -9.22 4.58 -16.19
CA PHE A 46 -9.38 5.67 -15.23
C PHE A 46 -10.20 5.17 -14.05
N LEU A 47 -9.63 5.27 -12.86
CA LEU A 47 -10.24 4.70 -11.66
C LEU A 47 -11.24 5.66 -11.00
N TRP A 48 -11.14 6.94 -11.35
CA TRP A 48 -12.10 7.94 -10.89
C TRP A 48 -12.48 8.75 -12.11
N PRO A 49 -13.66 9.38 -12.07
CA PRO A 49 -14.03 10.33 -13.13
C PRO A 49 -12.94 11.36 -13.34
N TRP A 50 -12.48 11.92 -12.23
CA TRP A 50 -11.52 13.02 -12.29
C TRP A 50 -10.10 12.54 -12.60
N SER A 51 -9.90 11.23 -12.76
CA SER A 51 -8.59 10.71 -13.13
C SER A 51 -8.15 11.25 -14.51
N ARG A 52 -9.11 11.66 -15.34
CA ARG A 52 -8.78 12.28 -16.62
C ARG A 52 -8.11 13.65 -16.51
N GLY A 53 -8.12 14.23 -15.31
CA GLY A 53 -7.69 15.62 -15.12
C GLY A 53 -8.31 16.57 -16.14
N ASN A 54 -7.65 17.69 -16.42
CA ASN A 54 -8.04 18.52 -17.56
C ASN A 54 -7.19 18.08 -18.75
N PHE A 55 -7.34 16.84 -19.15
CA PHE A 55 -6.70 16.35 -20.36
C PHE A 55 -7.79 15.92 -21.31
N SER A 56 -7.85 16.56 -22.46
CA SER A 56 -8.91 16.30 -23.43
C SER A 56 -8.95 14.83 -23.81
N ASN A 57 -10.13 14.36 -24.19
CA ASN A 57 -10.33 12.98 -24.56
C ASN A 57 -9.36 12.52 -25.64
N GLU A 58 -9.04 13.42 -26.58
CA GLU A 58 -8.16 13.07 -27.68
C GLU A 58 -6.68 13.12 -27.27
N GLU A 59 -6.34 13.99 -26.33
CA GLU A 59 -4.98 14.06 -25.81
C GLU A 59 -4.67 12.81 -24.97
N TRP A 60 -5.72 12.18 -24.45
CA TRP A 60 -5.51 10.95 -23.68
C TRP A 60 -5.11 9.76 -24.55
N LYS A 61 -5.52 9.75 -25.82
CA LYS A 61 -5.11 8.65 -26.70
C LYS A 61 -3.65 8.88 -27.15
N GLU A 62 -3.22 10.14 -27.15
CA GLU A 62 -1.81 10.38 -27.43
C GLU A 62 -0.95 9.72 -26.37
N LEU A 63 -1.23 10.02 -25.11
CA LEU A 63 -0.48 9.44 -23.98
C LEU A 63 -0.46 7.92 -24.04
N GLU A 64 -1.59 7.36 -24.42
CA GLU A 64 -1.72 5.92 -24.53
C GLU A 64 -0.75 5.35 -25.55
N THR A 65 -0.50 6.09 -26.63
CA THR A 65 0.42 5.66 -27.70
C THR A 65 1.83 5.33 -27.24
N LEU A 66 2.49 6.28 -26.58
CA LEU A 66 3.83 6.01 -26.08
C LEU A 66 3.72 4.95 -25.00
N PHE A 67 2.61 4.90 -24.28
CA PHE A 67 2.41 3.85 -23.29
C PHE A 67 2.24 2.48 -23.96
N ARG A 68 1.48 2.46 -25.06
CA ARG A 68 1.42 1.33 -26.01
C ARG A 68 2.81 0.81 -26.33
N ILE A 69 3.51 1.63 -27.11
CA ILE A 69 4.79 1.27 -27.71
C ILE A 69 5.86 1.08 -26.64
N ARG A 70 5.94 1.95 -25.65
CA ARG A 70 7.09 1.87 -24.76
C ARG A 70 6.92 0.75 -23.73
N THR A 71 5.71 0.45 -23.29
CA THR A 71 5.53 -0.64 -22.32
C THR A 71 5.95 -1.99 -22.86
N ILE A 72 5.56 -2.29 -24.09
CA ILE A 72 5.89 -3.60 -24.64
C ILE A 72 7.24 -3.59 -25.36
N ARG A 73 7.72 -2.43 -25.78
CA ARG A 73 9.11 -2.32 -26.23
C ARG A 73 10.06 -2.44 -25.04
N SER A 74 9.64 -1.91 -23.91
CA SER A 74 10.44 -2.02 -22.68
C SER A 74 10.46 -3.45 -22.15
N PHE A 75 9.28 -4.07 -22.11
CA PHE A 75 9.19 -5.46 -21.67
C PHE A 75 9.97 -6.39 -22.59
N GLU A 76 9.77 -6.21 -23.89
CA GLU A 76 10.46 -7.01 -24.87
C GLU A 76 11.96 -6.77 -24.81
N GLY A 77 12.34 -5.50 -24.74
CA GLY A 77 13.74 -5.14 -24.69
C GLY A 77 14.52 -5.78 -23.55
N ILE A 78 13.86 -5.98 -22.42
CA ILE A 78 14.57 -6.49 -21.24
C ILE A 78 15.01 -7.95 -21.43
N ARG A 79 14.24 -8.74 -22.17
CA ARG A 79 14.55 -10.18 -22.28
C ARG A 79 15.62 -10.57 -23.32
N ARG A 80 15.76 -9.81 -24.41
CA ARG A 80 16.85 -10.07 -25.34
C ARG A 80 18.22 -9.76 -24.74
N TYR A 81 18.28 -8.72 -23.92
CA TYR A 81 19.54 -8.25 -23.36
C TYR A 81 19.91 -8.97 -22.07
N ALA A 82 18.95 -9.67 -21.47
CA ALA A 82 19.13 -10.33 -20.18
C ALA A 82 20.43 -11.13 -20.09
N HIS A 83 20.81 -11.76 -21.19
CA HIS A 83 22.06 -12.50 -21.27
C HIS A 83 23.27 -11.59 -21.00
N GLU A 84 23.43 -10.54 -21.79
CA GLU A 84 24.61 -9.69 -21.66
C GLU A 84 24.57 -8.86 -20.39
N LEU A 85 23.35 -8.59 -19.92
CA LEU A 85 23.14 -7.84 -18.69
C LEU A 85 23.29 -8.72 -17.47
N GLN A 86 23.38 -10.03 -17.70
CA GLN A 86 23.49 -11.02 -16.61
C GLN A 86 22.27 -11.05 -15.71
N PHE A 87 21.11 -10.74 -16.25
CA PHE A 87 19.87 -10.94 -15.50
C PHE A 87 19.56 -12.42 -15.51
N GLU A 88 19.44 -13.02 -14.32
CA GLU A 88 19.18 -14.44 -14.23
C GLU A 88 17.77 -14.71 -13.71
N TYR A 89 17.10 -15.66 -14.35
CA TYR A 89 15.72 -16.01 -14.00
C TYR A 89 15.64 -16.83 -12.71
N PRO A 90 14.63 -16.56 -11.87
CA PRO A 90 13.62 -15.50 -12.07
C PRO A 90 14.12 -14.15 -11.58
N PHE A 91 13.62 -13.06 -12.16
CA PHE A 91 13.94 -11.74 -11.63
C PHE A 91 12.82 -10.73 -11.87
N GLU A 92 12.90 -9.61 -11.15
CA GLU A 92 11.91 -8.57 -11.21
C GLU A 92 12.52 -7.21 -11.42
N ILE A 93 11.88 -6.43 -12.26
CA ILE A 93 12.24 -5.04 -12.48
C ILE A 93 11.11 -4.16 -11.97
N GLN A 94 11.44 -3.11 -11.24
CA GLN A 94 10.44 -2.15 -10.78
C GLN A 94 10.90 -0.80 -11.21
N VAL A 95 9.96 0.01 -11.66
CA VAL A 95 10.21 1.38 -12.06
C VAL A 95 9.19 2.28 -11.38
N THR A 96 9.65 3.44 -10.92
CA THR A 96 8.76 4.50 -10.50
C THR A 96 9.21 5.85 -11.06
N GLY A 97 8.26 6.57 -11.65
CA GLY A 97 8.56 7.89 -12.19
C GLY A 97 7.41 8.85 -12.05
N GLY A 98 7.74 10.11 -11.76
CA GLY A 98 6.73 11.13 -11.64
C GLY A 98 7.31 12.47 -11.27
N CYS A 99 6.50 13.30 -10.66
CA CYS A 99 6.94 14.65 -10.31
C CYS A 99 6.31 15.10 -9.00
N GLU A 100 6.88 16.15 -8.40
CA GLU A 100 6.42 16.64 -7.10
C GLU A 100 5.99 18.11 -7.16
N GLY A 108 10.28 19.48 -9.44
CA GLY A 108 10.96 18.25 -9.10
C GLY A 108 10.39 17.02 -9.80
N SER A 109 11.25 16.23 -10.41
CA SER A 109 10.82 15.02 -11.12
C SER A 109 11.80 13.88 -10.85
N PHE A 110 11.36 12.66 -11.12
CA PHE A 110 12.17 11.49 -10.82
C PHE A 110 11.78 10.31 -11.69
N LEU A 111 12.73 9.41 -11.85
CA LEU A 111 12.52 8.15 -12.56
C LEU A 111 13.60 7.18 -12.12
N GLN A 112 13.21 6.15 -11.39
CA GLN A 112 14.14 5.20 -10.81
C GLN A 112 13.75 3.76 -11.10
N LEU A 113 14.78 2.93 -11.23
CA LEU A 113 14.58 1.55 -11.60
C LEU A 113 15.35 0.63 -10.67
N ALA A 114 14.69 -0.43 -10.22
CA ALA A 114 15.32 -1.41 -9.36
C ALA A 114 15.35 -2.78 -10.06
N TYR A 115 16.39 -3.54 -9.73
CA TYR A 115 16.58 -4.93 -10.17
C TYR A 115 16.68 -5.78 -8.90
N GLN A 116 15.81 -6.77 -8.81
CA GLN A 116 15.70 -7.63 -7.63
C GLN A 116 15.53 -6.84 -6.32
N GLY A 117 14.71 -5.80 -6.36
CA GLY A 117 14.36 -5.06 -5.15
C GLY A 117 15.44 -4.13 -4.63
N SER A 118 16.47 -3.88 -5.44
CA SER A 118 17.53 -2.96 -5.05
C SER A 118 17.73 -1.88 -6.12
N ASP A 119 18.06 -0.64 -5.68
CA ASP A 119 18.41 0.47 -6.59
C ASP A 119 19.36 0.01 -7.66
N PHE A 120 19.07 0.31 -8.92
CA PHE A 120 19.87 -0.21 -10.03
C PHE A 120 20.36 0.92 -10.97
N VAL A 121 19.42 1.61 -11.62
CA VAL A 121 19.71 2.78 -12.43
C VAL A 121 18.67 3.87 -12.21
N SER A 122 19.01 5.12 -12.54
CA SER A 122 18.00 6.17 -12.56
C SER A 122 18.19 7.16 -13.70
N PHE A 123 17.12 7.89 -13.98
CA PHE A 123 17.14 8.86 -15.07
C PHE A 123 17.39 10.25 -14.49
N GLN A 124 18.46 10.90 -14.93
CA GLN A 124 18.84 12.21 -14.40
C GLN A 124 19.07 13.21 -15.54
N ASN A 125 18.22 14.23 -15.59
CA ASN A 125 18.14 15.15 -16.72
C ASN A 125 17.84 14.42 -18.03
N ASN A 126 18.90 13.97 -18.71
CA ASN A 126 18.78 13.59 -20.12
C ASN A 126 19.25 12.17 -20.42
N SER A 127 19.68 11.45 -19.38
CA SER A 127 20.24 10.13 -19.60
C SER A 127 20.08 9.25 -18.38
N TRP A 128 20.24 7.95 -18.60
CA TRP A 128 20.17 7.00 -17.50
C TRP A 128 21.55 6.90 -16.87
N LEU A 129 21.58 6.95 -15.55
CA LEU A 129 22.82 6.86 -14.80
C LEU A 129 22.76 5.65 -13.88
N PRO A 130 23.87 4.92 -13.75
CA PRO A 130 23.87 3.75 -12.87
C PRO A 130 24.09 4.15 -11.42
N TYR A 131 23.42 3.51 -10.46
CA TYR A 131 23.85 3.70 -9.07
C TYR A 131 25.23 3.08 -8.91
N PRO A 132 26.17 3.83 -8.33
CA PRO A 132 27.53 3.33 -8.16
C PRO A 132 27.58 1.91 -7.57
N VAL A 133 26.86 1.66 -6.48
CA VAL A 133 26.96 0.36 -5.81
C VAL A 133 26.42 -0.78 -6.66
N ALA A 134 25.63 -0.46 -7.67
CA ALA A 134 24.98 -1.49 -8.48
C ALA A 134 25.95 -2.17 -9.45
N GLY A 135 27.16 -1.63 -9.59
CA GLY A 135 28.24 -2.32 -10.27
C GLY A 135 28.21 -2.23 -11.79
N ASN A 136 29.04 -3.03 -12.45
CA ASN A 136 29.18 -2.96 -13.90
C ASN A 136 27.92 -3.43 -14.62
N MET A 137 27.09 -4.21 -13.95
CA MET A 137 25.85 -4.64 -14.58
C MET A 137 24.97 -3.42 -14.90
N ALA A 138 24.87 -2.50 -13.95
CA ALA A 138 24.04 -1.31 -14.15
C ALA A 138 24.65 -0.42 -15.22
N LYS A 139 25.98 -0.41 -15.30
CA LYS A 139 26.66 0.38 -16.31
C LYS A 139 26.31 -0.13 -17.71
N HIS A 140 26.41 -1.45 -17.89
CA HIS A 140 26.08 -2.08 -19.17
C HIS A 140 24.61 -1.88 -19.53
N PHE A 141 23.75 -1.78 -18.52
CA PHE A 141 22.32 -1.54 -18.74
C PHE A 141 22.10 -0.12 -19.27
N CYS A 142 22.77 0.84 -18.65
CA CYS A 142 22.67 2.24 -19.07
C CYS A 142 23.11 2.46 -20.51
N LYS A 143 24.13 1.73 -20.95
CA LYS A 143 24.62 1.85 -22.31
C LYS A 143 23.47 1.54 -23.29
N VAL A 144 22.81 0.40 -23.06
CA VAL A 144 21.62 0.02 -23.80
C VAL A 144 20.51 1.08 -23.70
N LEU A 145 20.19 1.50 -22.47
CA LEU A 145 19.13 2.48 -22.24
C LEU A 145 19.41 3.84 -22.89
N ASN A 146 20.68 4.14 -23.12
CA ASN A 146 21.08 5.46 -23.62
C ASN A 146 21.49 5.44 -25.08
N GLN A 147 21.25 4.32 -25.75
CA GLN A 147 21.72 4.18 -27.13
C GLN A 147 20.99 5.09 -28.13
N ASN A 148 19.82 5.58 -27.77
CA ASN A 148 19.11 6.54 -28.62
C ASN A 148 18.79 7.82 -27.84
N GLN A 149 19.46 8.91 -28.19
CA GLN A 149 19.30 10.13 -27.42
C GLN A 149 17.91 10.73 -27.54
N HIS A 150 17.28 10.57 -28.71
CA HIS A 150 15.94 11.13 -28.91
C HIS A 150 14.92 10.50 -27.95
N GLU A 151 15.02 9.19 -27.79
CA GLU A 151 14.13 8.44 -26.90
C GLU A 151 14.34 8.89 -25.44
N ASN A 152 15.56 9.32 -25.13
CA ASN A 152 15.85 9.90 -23.82
C ASN A 152 15.26 11.30 -23.66
N ASP A 153 15.25 12.09 -24.75
CA ASP A 153 14.65 13.41 -24.72
C ASP A 153 13.13 13.36 -24.53
N ILE A 154 12.52 12.31 -25.06
CA ILE A 154 11.10 12.13 -24.86
C ILE A 154 10.85 11.82 -23.38
N THR A 155 11.70 10.96 -22.82
CA THR A 155 11.58 10.62 -21.40
C THR A 155 11.72 11.89 -20.56
N HIS A 156 12.69 12.73 -20.90
CA HIS A 156 12.86 14.01 -20.21
C HIS A 156 11.60 14.87 -20.23
N ASN A 157 11.00 15.01 -21.40
CA ASN A 157 9.85 15.92 -21.55
C ASN A 157 8.60 15.37 -20.86
N LEU A 158 8.46 14.04 -20.82
CA LEU A 158 7.35 13.43 -20.10
C LEU A 158 7.41 13.79 -18.63
N LEU A 159 8.63 13.87 -18.09
CA LEU A 159 8.83 14.08 -16.67
C LEU A 159 8.81 15.55 -16.27
N SER A 160 9.42 16.40 -17.08
CA SER A 160 9.57 17.79 -16.66
C SER A 160 8.49 18.68 -17.27
N ASP A 161 7.84 18.20 -18.32
CA ASP A 161 6.79 18.97 -18.97
C ASP A 161 5.40 18.32 -18.80
N THR A 162 5.22 17.11 -19.32
CA THR A 162 3.91 16.44 -19.27
C THR A 162 3.42 16.14 -17.85
N CYS A 163 4.30 15.63 -17.01
CA CYS A 163 3.88 15.24 -15.66
C CYS A 163 3.45 16.43 -14.80
N PRO A 164 4.26 17.53 -14.77
CA PRO A 164 3.81 18.72 -14.03
C PRO A 164 2.47 19.28 -14.51
N ARG A 165 2.26 19.38 -15.82
CA ARG A 165 0.98 19.87 -16.31
C ARG A 165 -0.15 18.94 -15.88
N PHE A 166 0.08 17.63 -15.95
CA PHE A 166 -0.98 16.67 -15.61
C PHE A 166 -1.39 16.76 -14.15
N ILE A 167 -0.42 16.81 -13.26
CA ILE A 167 -0.70 16.74 -11.83
C ILE A 167 -1.52 17.95 -11.36
N LEU A 168 -1.35 19.10 -12.01
CA LEU A 168 -2.16 20.26 -11.69
C LEU A 168 -3.63 20.02 -12.02
N GLY A 169 -3.89 19.54 -13.23
CA GLY A 169 -5.25 19.24 -13.65
C GLY A 169 -5.84 18.13 -12.81
N LEU A 170 -5.03 17.14 -12.47
CA LEU A 170 -5.49 16.02 -11.64
C LEU A 170 -5.95 16.48 -10.25
N LEU A 171 -5.10 17.25 -9.57
CA LEU A 171 -5.44 17.75 -8.23
C LEU A 171 -6.68 18.64 -8.26
N ASP A 172 -6.76 19.55 -9.23
CA ASP A 172 -7.93 20.40 -9.32
C ASP A 172 -9.20 19.57 -9.52
N ALA A 173 -9.18 18.70 -10.53
CA ALA A 173 -10.31 17.83 -10.84
C ALA A 173 -10.74 16.97 -9.65
N GLY A 174 -9.78 16.50 -8.85
CA GLY A 174 -10.08 15.62 -7.74
C GLY A 174 -10.21 16.31 -6.39
N LYS A 175 -10.03 17.63 -6.37
CA LYS A 175 -10.06 18.44 -5.14
C LYS A 175 -11.15 18.05 -4.13
N ALA A 176 -12.34 17.75 -4.65
CA ALA A 176 -13.48 17.42 -3.81
C ALA A 176 -13.21 16.16 -3.02
N HIS A 177 -12.87 15.10 -3.75
CA HIS A 177 -12.56 13.81 -3.16
C HIS A 177 -11.35 13.91 -2.23
N LEU A 178 -10.33 14.65 -2.66
CA LEU A 178 -9.07 14.65 -1.93
C LEU A 178 -9.10 15.48 -0.65
N GLN A 179 -9.98 16.47 -0.59
CA GLN A 179 -10.06 17.28 0.62
C GLN A 179 -11.32 16.96 1.44
N ARG A 180 -11.93 15.82 1.18
CA ARG A 180 -13.10 15.43 1.94
C ARG A 180 -12.68 15.04 3.35
N GLN A 181 -13.61 15.16 4.30
CA GLN A 181 -13.33 14.76 5.68
C GLN A 181 -14.26 13.64 6.13
N VAL A 182 -13.69 12.50 6.53
CA VAL A 182 -14.51 11.37 6.97
C VAL A 182 -14.19 11.02 8.41
N LYS A 183 -15.21 11.05 9.27
CA LYS A 183 -15.06 10.86 10.71
C LYS A 183 -14.69 9.42 11.11
N PRO A 184 -13.75 9.26 12.05
CA PRO A 184 -13.40 7.94 12.54
C PRO A 184 -14.46 7.34 13.46
N GLU A 185 -14.48 6.02 13.57
CA GLU A 185 -15.17 5.39 14.70
C GLU A 185 -14.09 4.66 15.47
N ALA A 186 -14.34 4.35 16.74
CA ALA A 186 -13.29 3.68 17.51
C ALA A 186 -13.91 2.61 18.41
N TRP A 187 -13.09 1.70 18.93
CA TRP A 187 -13.60 0.68 19.86
C TRP A 187 -12.44 0.08 20.61
N LEU A 188 -12.73 -0.55 21.75
CA LEU A 188 -11.68 -1.09 22.62
C LEU A 188 -11.77 -2.62 22.64
N SER A 189 -10.63 -3.29 22.82
CA SER A 189 -10.63 -4.73 23.01
C SER A 189 -9.41 -5.11 23.86
N HIS A 190 -9.39 -6.39 24.25
CA HIS A 190 -8.27 -6.99 24.96
C HIS A 190 -7.23 -7.45 23.95
N GLY A 191 -5.97 -7.16 24.23
CA GLY A 191 -4.91 -7.60 23.34
C GLY A 191 -4.50 -8.98 23.75
N PRO A 192 -3.85 -9.70 22.81
CA PRO A 192 -3.62 -11.14 22.86
C PRO A 192 -2.45 -11.56 23.71
N SER A 193 -1.39 -10.76 23.76
CA SER A 193 -0.16 -11.21 24.40
C SER A 193 0.40 -10.28 25.48
N PRO A 194 -0.35 -10.13 26.59
CA PRO A 194 0.17 -9.38 27.75
C PRO A 194 1.18 -10.23 28.52
N GLY A 195 2.17 -9.62 29.18
CA GLY A 195 3.06 -10.37 30.06
C GLY A 195 2.35 -10.82 31.33
N PRO A 196 2.97 -11.69 32.14
CA PRO A 196 2.26 -12.15 33.33
C PRO A 196 1.92 -11.01 34.31
N GLY A 197 0.69 -11.05 34.84
CA GLY A 197 0.22 -10.02 35.75
C GLY A 197 -0.23 -8.74 35.06
N HIS A 198 -0.18 -8.71 33.73
CA HIS A 198 -0.47 -7.50 32.97
C HIS A 198 -1.57 -7.69 31.93
N LEU A 199 -2.14 -6.59 31.47
CA LEU A 199 -3.15 -6.62 30.41
C LEU A 199 -2.65 -5.80 29.23
N GLN A 200 -3.15 -6.11 28.05
CA GLN A 200 -2.91 -5.26 26.90
C GLN A 200 -4.24 -4.63 26.48
N LEU A 201 -4.33 -3.31 26.58
CA LEU A 201 -5.53 -2.58 26.20
C LEU A 201 -5.38 -2.13 24.77
N VAL A 202 -6.39 -2.40 23.95
CA VAL A 202 -6.27 -2.03 22.54
C VAL A 202 -7.33 -1.03 22.15
N CYS A 203 -6.91 0.08 21.55
CA CYS A 203 -7.85 1.07 21.05
C CYS A 203 -7.80 1.05 19.51
N HIS A 204 -8.92 0.67 18.88
CA HIS A 204 -8.97 0.56 17.42
C HIS A 204 -9.56 1.84 16.86
N VAL A 205 -8.97 2.39 15.80
CA VAL A 205 -9.56 3.57 15.17
C VAL A 205 -9.71 3.32 13.68
N SER A 206 -10.91 3.51 13.15
CA SER A 206 -11.16 3.07 11.77
C SER A 206 -12.04 4.07 11.01
N GLY A 207 -12.04 4.00 9.68
CA GLY A 207 -12.95 4.81 8.87
C GLY A 207 -12.61 6.29 8.72
N PHE A 208 -11.41 6.71 9.09
CA PHE A 208 -11.07 8.14 8.96
C PHE A 208 -10.34 8.47 7.67
N TYR A 209 -10.47 9.73 7.27
CA TYR A 209 -9.78 10.27 6.11
C TYR A 209 -9.86 11.79 6.26
N PRO A 210 -8.78 12.52 5.96
CA PRO A 210 -7.49 12.03 5.46
C PRO A 210 -6.63 11.38 6.55
N LYS A 211 -5.38 11.06 6.23
CA LYS A 211 -4.58 10.15 7.05
C LYS A 211 -4.16 10.63 8.45
N PRO A 212 -3.74 11.93 8.59
CA PRO A 212 -3.18 12.32 9.88
C PRO A 212 -4.18 12.15 11.00
N VAL A 213 -3.75 11.55 12.11
CA VAL A 213 -4.66 11.26 13.21
C VAL A 213 -3.88 11.25 14.51
N TRP A 214 -4.56 11.46 15.64
CA TRP A 214 -3.93 11.44 16.97
C TRP A 214 -4.71 10.47 17.84
N VAL A 215 -4.01 9.57 18.53
CA VAL A 215 -4.72 8.63 19.42
C VAL A 215 -3.81 8.28 20.59
N MET A 216 -4.35 8.39 21.79
CA MET A 216 -3.58 8.11 23.01
C MET A 216 -4.46 7.48 24.06
N TRP A 217 -3.88 6.54 24.80
CA TRP A 217 -4.47 6.12 26.05
C TRP A 217 -4.21 7.25 27.04
N MET A 218 -5.18 7.50 27.92
CA MET A 218 -5.15 8.59 28.89
C MET A 218 -5.56 8.10 30.26
N ARG A 219 -5.02 8.74 31.29
CA ARG A 219 -5.64 8.71 32.60
C ARG A 219 -6.12 10.12 32.93
N GLY A 220 -7.40 10.40 32.71
CA GLY A 220 -7.90 11.75 32.84
C GLY A 220 -7.26 12.58 31.74
N GLU A 221 -6.62 13.68 32.12
CA GLU A 221 -5.95 14.52 31.12
C GLU A 221 -4.46 14.17 30.92
N GLN A 222 -3.99 13.11 31.59
CA GLN A 222 -2.58 12.71 31.48
C GLN A 222 -2.38 11.68 30.35
N GLU A 223 -1.64 12.05 29.31
CA GLU A 223 -1.35 11.09 28.24
C GLU A 223 -0.49 9.95 28.79
N GLN A 224 -0.82 8.72 28.43
CA GLN A 224 -0.03 7.57 28.85
C GLN A 224 1.03 7.27 27.79
N GLN A 225 2.29 7.55 28.14
CA GLN A 225 3.37 7.49 27.16
C GLN A 225 3.74 6.06 26.79
N GLY A 226 3.20 5.08 27.52
CA GLY A 226 3.33 3.70 27.10
C GLY A 226 2.51 3.39 25.84
N THR A 227 1.70 4.36 25.39
CA THR A 227 0.83 4.08 24.23
C THR A 227 1.63 3.72 22.99
N GLN A 228 1.40 2.53 22.45
CA GLN A 228 2.15 2.12 21.26
C GLN A 228 1.24 2.12 20.02
N ARG A 229 1.50 3.06 19.12
CA ARG A 229 0.69 3.14 17.89
C ARG A 229 1.18 2.17 16.83
N GLY A 230 0.28 1.37 16.23
CA GLY A 230 0.72 0.53 15.10
C GLY A 230 0.80 1.34 13.80
N ASP A 231 1.12 0.67 12.69
CA ASP A 231 1.06 1.32 11.36
C ASP A 231 -0.34 1.80 11.04
N ILE A 232 -0.45 2.81 10.19
CA ILE A 232 -1.77 3.20 9.68
C ILE A 232 -2.06 2.29 8.47
N LEU A 233 -3.18 1.58 8.48
CA LEU A 233 -3.44 0.49 7.51
C LEU A 233 -4.65 0.83 6.62
N PRO A 234 -4.67 0.35 5.37
CA PRO A 234 -5.74 0.84 4.50
C PRO A 234 -7.00 0.00 4.64
N SER A 235 -8.13 0.59 4.27
CA SER A 235 -9.38 -0.14 4.06
C SER A 235 -9.75 -0.06 2.60
N ALA A 236 -10.52 -1.02 2.13
CA ALA A 236 -10.91 -1.04 0.72
C ALA A 236 -11.70 0.19 0.32
N ASP A 237 -12.41 0.81 1.26
CA ASP A 237 -13.23 1.97 0.88
C ASP A 237 -12.40 3.26 0.85
N GLY A 238 -11.09 3.13 1.01
CA GLY A 238 -10.19 4.27 0.89
C GLY A 238 -9.98 5.02 2.20
N THR A 239 -10.56 4.54 3.28
CA THR A 239 -10.28 5.14 4.59
C THR A 239 -9.14 4.38 5.28
N TRP A 240 -8.80 4.81 6.50
CA TRP A 240 -7.62 4.31 7.20
C TRP A 240 -7.98 3.68 8.55
N TYR A 241 -7.02 2.91 9.07
CA TYR A 241 -7.16 2.13 10.30
C TYR A 241 -5.89 2.21 11.13
N LEU A 242 -6.03 2.18 12.45
CA LEU A 242 -4.89 2.22 13.32
C LEU A 242 -5.27 1.53 14.63
N ARG A 243 -4.33 0.75 15.18
CA ARG A 243 -4.43 0.19 16.54
C ARG A 243 -3.43 0.85 17.48
N ALA A 244 -3.87 1.30 18.64
CA ALA A 244 -2.97 1.81 19.67
C ALA A 244 -3.11 0.97 20.91
N THR A 245 -2.00 0.41 21.38
CA THR A 245 -2.07 -0.47 22.54
C THR A 245 -1.33 0.04 23.76
N LEU A 246 -1.78 -0.41 24.94
CA LEU A 246 -1.14 -0.03 26.21
C LEU A 246 -1.02 -1.26 27.08
N GLU A 247 0.20 -1.53 27.55
CA GLU A 247 0.42 -2.59 28.54
C GLU A 247 0.34 -1.99 29.94
N VAL A 248 -0.50 -2.58 30.78
CA VAL A 248 -0.70 -2.12 32.14
C VAL A 248 -0.80 -3.29 33.09
N ALA A 249 -0.42 -3.05 34.35
CA ALA A 249 -0.62 -4.04 35.39
C ALA A 249 -2.13 -4.17 35.61
N ALA A 250 -2.59 -5.39 35.90
CA ALA A 250 -4.03 -5.65 35.95
C ALA A 250 -4.70 -4.83 37.05
N GLY A 251 -3.96 -4.55 38.11
CA GLY A 251 -4.48 -3.76 39.19
C GLY A 251 -4.67 -2.30 38.82
N GLU A 252 -4.03 -1.86 37.75
CA GLU A 252 -3.94 -0.43 37.46
C GLU A 252 -4.68 0.01 36.21
N ALA A 253 -5.69 -0.76 35.81
CA ALA A 253 -6.39 -0.51 34.56
C ALA A 253 -7.65 0.34 34.75
N ALA A 254 -7.88 0.76 35.99
CA ALA A 254 -9.00 1.65 36.30
C ALA A 254 -8.76 3.05 35.76
N ASP A 255 -9.86 3.70 35.35
CA ASP A 255 -9.87 5.12 34.97
C ASP A 255 -9.13 5.40 33.65
N LEU A 256 -8.85 4.37 32.87
CA LEU A 256 -8.16 4.58 31.60
C LEU A 256 -9.20 4.81 30.50
N SER A 257 -8.84 5.68 29.55
CA SER A 257 -9.65 5.98 28.38
C SER A 257 -8.77 6.08 27.14
N CYS A 258 -9.39 5.89 25.99
CA CYS A 258 -8.71 6.12 24.72
C CYS A 258 -9.29 7.38 24.10
N ARG A 259 -8.43 8.30 23.70
CA ARG A 259 -8.85 9.59 23.14
C ARG A 259 -8.34 9.74 21.71
N VAL A 260 -9.26 10.06 20.80
CA VAL A 260 -8.96 10.18 19.39
C VAL A 260 -9.21 11.61 18.96
N LYS A 261 -8.21 12.21 18.30
CA LYS A 261 -8.37 13.55 17.69
C LYS A 261 -8.16 13.42 16.18
N HIS A 262 -9.01 14.10 15.40
CA HIS A 262 -8.91 14.06 13.93
C HIS A 262 -9.51 15.32 13.35
N SER A 263 -8.92 15.79 12.24
CA SER A 263 -9.37 16.99 11.57
C SER A 263 -10.88 17.04 11.37
N SER A 264 -11.48 15.87 11.14
CA SER A 264 -12.89 15.79 10.76
C SER A 264 -13.85 16.01 11.93
N LEU A 265 -13.33 15.92 13.15
CA LEU A 265 -14.18 16.00 14.35
C LEU A 265 -14.34 17.43 14.85
N GLU A 266 -13.55 18.35 14.30
CA GLU A 266 -13.60 19.76 14.69
C GLU A 266 -13.58 19.96 16.21
N GLY A 267 -12.61 19.37 16.88
CA GLY A 267 -12.45 19.56 18.31
C GLY A 267 -13.24 18.64 19.22
N GLN A 268 -14.21 17.93 18.67
CA GLN A 268 -15.01 17.03 19.48
C GLN A 268 -14.35 15.66 19.53
N ASP A 269 -13.37 15.48 20.41
CA ASP A 269 -12.64 14.20 20.47
C ASP A 269 -13.57 12.99 20.71
N ILE A 270 -13.22 11.85 20.12
CA ILE A 270 -13.83 10.59 20.53
C ILE A 270 -13.15 10.13 21.79
N VAL A 271 -13.92 9.79 22.81
CA VAL A 271 -13.30 9.30 24.05
C VAL A 271 -14.03 8.04 24.50
N LEU A 272 -13.29 6.94 24.65
CA LEU A 272 -13.86 5.67 25.09
C LEU A 272 -13.23 5.24 26.40
N TYR A 273 -13.98 4.55 27.25
CA TYR A 273 -13.55 4.25 28.62
C TYR A 273 -13.40 2.74 28.83
N TRP A 274 -12.28 2.33 29.40
CA TRP A 274 -12.04 0.93 29.72
C TRP A 274 -12.91 0.51 30.89
N GLU A 275 -13.94 -0.29 30.61
CA GLU A 275 -14.86 -0.77 31.66
C GLU A 275 -16.09 -1.52 31.13
N GLY A 276 -17.07 -1.70 32.00
CA GLY A 276 -18.19 -2.56 31.68
C GLY A 276 -17.64 -3.97 31.68
N SER A 277 -17.96 -4.73 30.64
CA SER A 277 -17.56 -6.14 30.58
C SER A 277 -16.08 -6.32 30.27
N LEU A 278 -15.41 -5.22 29.98
CA LEU A 278 -13.97 -5.26 29.74
C LEU A 278 -13.18 -5.51 31.05
N VAL A 279 -13.85 -5.36 32.19
CA VAL A 279 -13.19 -5.55 33.49
C VAL A 279 -13.78 -6.74 34.26
N ILE B 1 18.20 -9.97 -2.68
CA ILE B 1 17.82 -10.00 -1.28
C ILE B 1 16.30 -10.20 -1.12
N GLN B 2 15.93 -11.21 -0.35
CA GLN B 2 14.53 -11.52 -0.13
C GLN B 2 14.05 -10.90 1.16
N ARG B 3 12.79 -10.46 1.19
CA ARG B 3 12.20 -9.85 2.38
C ARG B 3 10.91 -10.54 2.76
N THR B 4 10.78 -10.84 4.04
CA THR B 4 9.66 -11.63 4.52
C THR B 4 8.44 -10.72 4.80
N PRO B 5 7.22 -11.22 4.52
CA PRO B 5 6.03 -10.35 4.66
C PRO B 5 5.65 -10.07 6.09
N LYS B 6 5.24 -8.82 6.33
CA LYS B 6 4.61 -8.45 7.59
C LYS B 6 3.13 -8.69 7.34
N ILE B 7 2.41 -9.19 8.35
CA ILE B 7 1.00 -9.58 8.11
C ILE B 7 0.11 -9.03 9.20
N GLN B 8 -0.91 -8.23 8.83
CA GLN B 8 -1.70 -7.55 9.86
C GLN B 8 -3.19 -7.76 9.53
N VAL B 9 -3.96 -8.17 10.53
CA VAL B 9 -5.37 -8.58 10.32
C VAL B 9 -6.28 -7.70 11.16
N TYR B 10 -7.36 -7.16 10.55
CA TYR B 10 -8.23 -6.21 11.24
C TYR B 10 -9.56 -6.15 10.56
N SER B 11 -10.55 -5.69 11.32
CA SER B 11 -11.89 -5.53 10.79
C SER B 11 -12.15 -4.06 10.57
N ARG B 12 -13.03 -3.76 9.62
CA ARG B 12 -13.39 -2.39 9.29
C ARG B 12 -14.20 -1.70 10.42
N HIS B 13 -15.05 -2.48 11.10
CA HIS B 13 -15.92 -2.02 12.18
C HIS B 13 -15.74 -2.92 13.39
N PRO B 14 -16.17 -2.45 14.59
CA PRO B 14 -16.13 -3.37 15.74
C PRO B 14 -16.88 -4.64 15.42
N ALA B 15 -16.45 -5.77 15.98
CA ALA B 15 -17.13 -7.02 15.78
C ALA B 15 -18.47 -6.99 16.51
N GLU B 16 -19.52 -7.31 15.79
CA GLU B 16 -20.82 -7.44 16.43
C GLU B 16 -21.49 -8.65 15.79
N ASN B 17 -21.81 -9.67 16.58
CA ASN B 17 -22.31 -10.90 15.97
C ASN B 17 -23.58 -10.62 15.20
N GLY B 18 -23.69 -11.19 14.01
CA GLY B 18 -24.88 -11.00 13.19
C GLY B 18 -24.91 -9.70 12.43
N LYS B 19 -23.86 -8.88 12.53
CA LYS B 19 -23.80 -7.67 11.71
C LYS B 19 -22.70 -7.75 10.65
N SER B 20 -23.07 -7.45 9.40
CA SER B 20 -22.13 -7.45 8.26
C SER B 20 -20.91 -6.54 8.52
N ASN B 21 -19.73 -6.93 8.02
CA ASN B 21 -18.47 -6.25 8.38
C ASN B 21 -17.44 -6.56 7.27
N PHE B 22 -16.20 -6.05 7.38
CA PHE B 22 -15.20 -6.39 6.39
C PHE B 22 -13.97 -6.84 7.15
N LEU B 23 -13.42 -7.97 6.75
CA LEU B 23 -12.20 -8.50 7.33
C LEU B 23 -11.04 -8.15 6.40
N ASN B 24 -9.92 -7.69 6.97
CA ASN B 24 -8.83 -7.21 6.14
C ASN B 24 -7.55 -7.96 6.48
N CYS B 25 -6.72 -8.24 5.49
CA CYS B 25 -5.38 -8.75 5.76
C CYS B 25 -4.38 -8.00 4.91
N TYR B 26 -3.59 -7.17 5.57
CA TYR B 26 -2.63 -6.28 4.91
C TYR B 26 -1.27 -6.94 4.95
N VAL B 27 -0.73 -7.28 3.79
CA VAL B 27 0.57 -7.96 3.72
C VAL B 27 1.56 -7.01 3.06
N SER B 28 2.70 -6.77 3.72
CA SER B 28 3.59 -5.72 3.22
C SER B 28 5.06 -6.04 3.49
N GLY B 29 5.95 -5.24 2.90
CA GLY B 29 7.38 -5.41 3.12
C GLY B 29 7.99 -6.69 2.57
N PHE B 30 7.36 -7.30 1.56
CA PHE B 30 7.92 -8.55 1.04
C PHE B 30 8.56 -8.39 -0.35
N HIS B 31 9.45 -9.32 -0.67
CA HIS B 31 10.14 -9.37 -1.95
C HIS B 31 10.72 -10.78 -2.05
N PRO B 32 10.51 -11.45 -3.21
CA PRO B 32 9.89 -11.02 -4.47
C PRO B 32 8.36 -10.96 -4.38
N SER B 33 7.68 -10.53 -5.45
CA SER B 33 6.25 -10.24 -5.37
C SER B 33 5.35 -11.48 -5.37
N ASP B 34 5.89 -12.61 -5.79
CA ASP B 34 5.10 -13.83 -5.81
C ASP B 34 4.68 -14.19 -4.38
N ILE B 35 3.38 -14.25 -4.12
CA ILE B 35 2.88 -14.50 -2.80
C ILE B 35 1.51 -15.15 -2.85
N GLU B 36 1.19 -15.94 -1.82
CA GLU B 36 -0.13 -16.54 -1.74
C GLU B 36 -0.80 -16.21 -0.41
N VAL B 37 -2.00 -15.63 -0.48
CA VAL B 37 -2.69 -15.11 0.70
C VAL B 37 -4.12 -15.63 0.68
N ASP B 38 -4.51 -16.32 1.76
CA ASP B 38 -5.89 -16.82 1.92
C ASP B 38 -6.49 -16.23 3.18
N LEU B 39 -7.80 -15.92 3.13
CA LEU B 39 -8.53 -15.62 4.35
C LEU B 39 -9.25 -16.90 4.75
N LEU B 40 -9.21 -17.23 6.04
CA LEU B 40 -9.74 -18.49 6.54
C LEU B 40 -10.90 -18.23 7.48
N LYS B 41 -11.94 -19.06 7.38
CA LYS B 41 -13.01 -19.09 8.36
C LYS B 41 -13.03 -20.48 8.96
N ASN B 42 -12.80 -20.56 10.27
CA ASN B 42 -12.73 -21.86 10.94
C ASN B 42 -11.78 -22.80 10.21
N GLY B 43 -10.60 -22.30 9.86
CA GLY B 43 -9.57 -23.11 9.23
C GLY B 43 -9.81 -23.41 7.77
N GLU B 44 -10.96 -22.98 7.25
CA GLU B 44 -11.36 -23.28 5.89
C GLU B 44 -11.21 -22.04 5.02
N ARG B 45 -10.78 -22.22 3.79
CA ARG B 45 -10.52 -21.06 2.95
C ARG B 45 -11.83 -20.36 2.54
N ILE B 46 -11.81 -19.03 2.59
CA ILE B 46 -12.95 -18.21 2.19
C ILE B 46 -12.91 -17.97 0.70
N GLU B 47 -14.03 -18.25 0.04
CA GLU B 47 -14.05 -18.31 -1.41
C GLU B 47 -13.90 -16.96 -2.09
N LYS B 48 -14.71 -15.97 -1.73
CA LYS B 48 -14.57 -14.76 -2.52
C LYS B 48 -13.89 -13.68 -1.70
N VAL B 49 -12.61 -13.54 -2.02
CA VAL B 49 -11.75 -12.56 -1.39
C VAL B 49 -11.27 -11.61 -2.49
N GLU B 50 -11.21 -10.32 -2.19
CA GLU B 50 -10.73 -9.34 -3.16
C GLU B 50 -9.36 -8.86 -2.71
N HIS B 51 -8.55 -8.36 -3.64
CA HIS B 51 -7.32 -7.69 -3.23
C HIS B 51 -7.03 -6.41 -4.06
N SER B 52 -6.26 -5.51 -3.47
CA SER B 52 -5.81 -4.31 -4.17
C SER B 52 -4.83 -4.67 -5.27
N ASP B 53 -4.63 -3.76 -6.23
CA ASP B 53 -3.58 -3.94 -7.21
C ASP B 53 -2.24 -3.96 -6.46
N LEU B 54 -1.38 -4.88 -6.86
CA LEU B 54 -0.02 -4.95 -6.33
C LEU B 54 0.69 -3.62 -6.45
N SER B 55 1.36 -3.21 -5.38
CA SER B 55 2.12 -1.96 -5.39
C SER B 55 3.41 -2.14 -4.58
N PHE B 56 4.25 -1.13 -4.57
CA PHE B 56 5.44 -1.21 -3.72
C PHE B 56 5.74 0.12 -3.05
N SER B 57 6.48 0.05 -1.95
CA SER B 57 6.87 1.19 -1.15
C SER B 57 8.18 1.78 -1.64
N LYS B 58 8.60 2.87 -1.00
CA LYS B 58 9.85 3.53 -1.35
C LYS B 58 11.04 2.57 -1.39
N ASP B 59 11.09 1.63 -0.45
CA ASP B 59 12.25 0.73 -0.37
C ASP B 59 12.10 -0.48 -1.31
N TRP B 60 11.10 -0.40 -2.20
CA TRP B 60 10.87 -1.38 -3.30
C TRP B 60 10.17 -2.65 -2.80
N SER B 61 9.92 -2.76 -1.50
CA SER B 61 9.20 -3.94 -1.01
C SER B 61 7.72 -3.84 -1.37
N PHE B 62 7.07 -4.98 -1.60
CA PHE B 62 5.69 -5.00 -2.15
C PHE B 62 4.64 -4.97 -1.04
N TYR B 63 3.41 -4.57 -1.37
CA TYR B 63 2.35 -4.64 -0.38
C TYR B 63 1.01 -4.82 -1.09
N LEU B 64 0.10 -5.51 -0.41
CA LEU B 64 -1.22 -5.88 -0.95
C LEU B 64 -2.22 -5.84 0.19
N LEU B 65 -3.45 -5.42 -0.09
CA LEU B 65 -4.55 -5.55 0.86
C LEU B 65 -5.48 -6.63 0.39
N TYR B 66 -5.78 -7.63 1.23
CA TYR B 66 -6.79 -8.64 0.92
C TYR B 66 -8.01 -8.39 1.79
N TYR B 67 -9.21 -8.56 1.26
CA TYR B 67 -10.37 -8.31 2.10
C TYR B 67 -11.62 -9.05 1.60
N THR B 68 -12.56 -9.24 2.51
CA THR B 68 -13.84 -9.79 2.14
C THR B 68 -14.96 -9.27 3.06
N GLU B 69 -16.18 -9.21 2.56
CA GLU B 69 -17.33 -8.91 3.41
C GLU B 69 -17.69 -10.17 4.17
N PHE B 70 -18.08 -10.04 5.44
CA PHE B 70 -18.42 -11.21 6.25
C PHE B 70 -19.33 -10.82 7.40
N THR B 71 -20.05 -11.79 7.94
CA THR B 71 -20.87 -11.61 9.14
C THR B 71 -20.41 -12.60 10.21
N PRO B 72 -19.79 -12.10 11.28
CA PRO B 72 -19.28 -13.02 12.30
C PRO B 72 -20.40 -13.59 13.18
N THR B 73 -20.29 -14.83 13.64
CA THR B 73 -21.14 -15.33 14.73
C THR B 73 -20.24 -15.63 15.92
N GLU B 74 -20.78 -15.98 17.07
CA GLU B 74 -19.89 -16.13 18.24
C GLU B 74 -18.98 -17.36 18.12
N LYS B 75 -19.31 -18.27 17.22
CA LYS B 75 -18.60 -19.55 17.10
C LYS B 75 -17.43 -19.51 16.11
N ASP B 76 -17.37 -18.46 15.28
CA ASP B 76 -16.46 -18.42 14.16
C ASP B 76 -15.10 -17.79 14.51
N GLU B 77 -14.03 -18.37 13.98
CA GLU B 77 -12.66 -17.86 14.09
C GLU B 77 -12.19 -17.52 12.69
N TYR B 78 -11.51 -16.38 12.54
CA TYR B 78 -10.98 -15.99 11.23
C TYR B 78 -9.49 -15.74 11.32
N ALA B 79 -8.80 -15.88 10.19
CA ALA B 79 -7.37 -15.73 10.15
C ALA B 79 -6.95 -15.40 8.74
N CYS B 80 -5.69 -15.00 8.60
CA CYS B 80 -5.06 -14.79 7.33
C CYS B 80 -3.89 -15.77 7.20
N ARG B 81 -3.79 -16.49 6.08
CA ARG B 81 -2.72 -17.48 5.90
C ARG B 81 -1.84 -17.07 4.73
N VAL B 82 -0.54 -16.93 4.98
CA VAL B 82 0.34 -16.36 3.97
C VAL B 82 1.46 -17.37 3.64
N ASN B 83 1.71 -17.57 2.34
CA ASN B 83 2.89 -18.34 1.93
C ASN B 83 3.73 -17.52 0.98
N HIS B 84 5.04 -17.61 1.15
CA HIS B 84 6.01 -16.79 0.44
C HIS B 84 7.34 -17.55 0.46
N VAL B 85 8.20 -17.27 -0.51
CA VAL B 85 9.46 -18.03 -0.60
C VAL B 85 10.28 -17.89 0.69
N THR B 86 10.16 -16.77 1.38
CA THR B 86 10.91 -16.58 2.62
C THR B 86 10.43 -17.46 3.79
N LEU B 87 9.30 -18.17 3.62
CA LEU B 87 8.66 -18.91 4.71
C LEU B 87 8.83 -20.43 4.63
N SER B 88 9.39 -21.03 5.69
CA SER B 88 9.45 -22.48 5.82
C SER B 88 8.08 -23.13 5.63
N GLN B 89 7.07 -22.48 6.19
CA GLN B 89 5.72 -23.00 6.12
C GLN B 89 4.77 -21.80 6.12
N PRO B 90 3.56 -21.98 5.57
CA PRO B 90 2.56 -20.91 5.61
C PRO B 90 2.42 -20.30 7.00
N LYS B 91 2.37 -18.98 7.05
CA LYS B 91 2.25 -18.27 8.32
C LYS B 91 0.80 -17.87 8.51
N ILE B 92 0.28 -18.12 9.70
CA ILE B 92 -1.12 -17.87 10.00
C ILE B 92 -1.30 -16.83 11.10
N VAL B 93 -2.02 -15.78 10.80
CA VAL B 93 -2.26 -14.72 11.76
C VAL B 93 -3.76 -14.60 12.00
N LYS B 94 -4.18 -14.74 13.26
CA LYS B 94 -5.60 -14.76 13.57
C LYS B 94 -6.21 -13.35 13.66
N TRP B 95 -7.49 -13.23 13.38
CA TRP B 95 -8.20 -12.00 13.69
C TRP B 95 -8.47 -11.99 15.19
N ASP B 96 -7.89 -11.04 15.92
CA ASP B 96 -8.09 -10.96 17.37
C ASP B 96 -9.35 -10.16 17.69
N ARG B 97 -10.35 -10.81 18.27
CA ARG B 97 -11.48 -10.09 18.80
C ARG B 97 -11.83 -10.65 20.16
N ASP B 98 -12.54 -9.86 20.98
CA ASP B 98 -12.87 -10.25 22.35
C ASP B 98 -13.94 -11.35 22.40
O1 3XU C . 11.86 1.56 -25.39
N 3XU C . 14.00 0.68 -25.27
C1 3XU C . 15.93 -1.08 -24.93
O5 3XU C . 15.02 -0.76 -31.19
P 3XU C . 14.79 0.33 -30.18
O3 3XU C . 14.13 1.66 -30.25
O4 3XU C . 16.49 0.74 -29.99
C42 3XU C . 17.16 1.14 -31.10
C43 3XU C . 17.63 2.62 -30.86
N1 3XU C . 18.37 3.07 -32.14
C46 3XU C . 19.43 4.11 -31.83
C45 3XU C . 17.36 3.64 -33.14
C44 3XU C . 19.07 1.86 -32.76
O2 3XU C . 14.30 -0.34 -28.75
C41 3XU C . 14.89 0.04 -27.53
C16 3XU C . 14.02 -0.40 -26.32
C 3XU C . 14.71 -1.62 -25.65
O 3XU C . 15.21 -2.59 -26.54
C2 3XU C . 16.16 -1.23 -23.62
C3 3XU C . 15.14 -1.98 -22.83
C4 3XU C . 15.00 -1.60 -21.38
C5 3XU C . 13.79 -0.72 -21.18
C6 3XU C . 13.16 -1.18 -19.88
C7 3XU C . 13.34 -0.11 -18.82
C8 3XU C . 12.43 1.07 -19.15
C9 3XU C . 11.89 1.66 -17.86
C10 3XU C . 10.45 2.12 -18.03
C11 3XU C . 9.58 0.95 -18.48
C12 3XU C . 8.09 1.25 -18.23
C13 3XU C . 7.83 2.76 -18.11
C14 3XU C . 6.34 3.08 -18.28
C15 3XU C . 5.56 2.71 -17.02
C17 3XU C . 12.96 1.54 -24.86
C18 3XU C . 13.30 2.49 -23.70
C19 3XU C . 12.03 3.05 -23.02
C20 3XU C . 12.36 3.86 -21.74
C21 3XU C . 11.08 4.07 -20.91
C22 3XU C . 10.88 5.52 -20.44
C23 3XU C . 10.10 5.53 -19.12
C24 3XU C . 8.88 6.44 -19.21
C25 3XU C . 8.73 7.31 -17.96
C26 3XU C . 7.26 7.51 -17.60
C27 3XU C . 7.16 8.45 -16.40
C28 3XU C . 5.75 8.97 -16.21
C29 3XU C . 5.70 10.45 -15.82
C30 3XU C . 4.27 11.00 -15.82
C31 3XU C . 3.76 10.99 -17.22
C32 3XU C . 2.50 11.27 -17.53
C33 3XU C . 1.46 11.66 -16.53
C34 3XU C . 0.07 11.21 -17.01
C35 3XU C . 0.09 9.74 -17.45
C36 3XU C . -0.81 8.84 -16.59
C37 3XU C . -0.58 7.39 -17.04
C38 3XU C . -1.13 6.28 -16.11
C39 3XU C . -0.80 4.89 -16.68
C40 3XU C . -1.50 3.73 -15.97
#